data_5VYH
#
_entry.id   5VYH
#
_cell.length_a   49.800
_cell.length_b   84.370
_cell.length_c   108.000
_cell.angle_alpha   90.000
_cell.angle_beta   90.000
_cell.angle_gamma   90.000
#
_symmetry.space_group_name_H-M   'P 21 21 21'
#
loop_
_entity.id
_entity.type
_entity.pdbx_description
1 polymer 'S protein'
2 non-polymer 2-acetamido-2-deoxy-beta-D-glucopyranose
3 non-polymer 'FOLIC ACID'
4 non-polymer (4S)-2-METHYL-2,4-PENTANEDIOL
5 non-polymer IMIDAZOLE
6 water water
#
_entity_poly.entity_id   1
_entity_poly.type   'polypeptide(L)'
_entity_poly.pdbx_seq_one_letter_code
;YVDVGPDSVKSACIEVDIQQTFFDKTWPRPIDVSKADGIIYPQGRTYSNITITYQGLFPYQGDHGDMYVYSAGHATGTTP
QKLFVANYSQDVKQFANGFVVRIGAAANSTGTVIISPSTSATIRKIYPAFMLGSSVGNFSDGKMGRFFNHTLVLLPDGCG
TLLRAFYCILEPRSGNHCPAGNSYTSFATYHTPATDCSDGNYNRNASLNSFKEYFNLRNCTFMYTYNITEDEILEWFGIT
QTAQGVHLFSSRYVDLYGGNMFQFATLPVYDTIKYYSIIPHSIRSIQSDRKAWAAFYVYKLQPLTFLLDFSVDGYIRRAI
DCGFNDLSQLHCSYESGLEVLFQ
;
_entity_poly.pdbx_strand_id   A
#
loop_
_chem_comp.id
_chem_comp.type
_chem_comp.name
_chem_comp.formula
FOL non-polymer 'FOLIC ACID' 'C19 H19 N7 O6'
IMD non-polymer IMIDAZOLE 'C3 H5 N2 1'
MPD non-polymer (4S)-2-METHYL-2,4-PENTANEDIOL 'C6 H14 O2'
NAG D-saccharide, beta linking 2-acetamido-2-deoxy-beta-D-glucopyranose 'C8 H15 N O6'
#
# COMPACT_ATOMS: atom_id res chain seq x y z
N TYR A 1 -2.70 23.57 -13.11
CA TYR A 1 -1.82 22.58 -12.50
C TYR A 1 -1.18 23.13 -11.23
N VAL A 2 -0.77 22.25 -10.33
CA VAL A 2 -0.28 22.65 -9.02
C VAL A 2 1.24 22.59 -9.00
N ASP A 3 1.83 23.43 -8.15
CA ASP A 3 3.26 23.42 -7.95
C ASP A 3 3.64 22.34 -6.95
N VAL A 4 4.59 21.49 -7.33
CA VAL A 4 5.06 20.42 -6.46
C VAL A 4 6.54 20.63 -6.16
N GLY A 5 6.97 21.89 -6.17
CA GLY A 5 8.35 22.22 -5.91
C GLY A 5 9.22 21.99 -7.12
N PRO A 6 10.43 22.53 -7.11
CA PRO A 6 11.29 22.44 -8.29
C PRO A 6 11.75 21.00 -8.54
N ASP A 7 12.20 20.77 -9.77
CA ASP A 7 12.79 19.49 -10.13
C ASP A 7 13.98 19.16 -9.24
N SER A 8 14.26 17.87 -9.09
CA SER A 8 15.46 17.47 -8.37
C SER A 8 16.70 17.96 -9.10
N VAL A 9 17.64 18.51 -8.33
CA VAL A 9 18.91 18.98 -8.87
C VAL A 9 19.97 17.89 -8.81
N LYS A 10 19.67 16.75 -8.19
CA LYS A 10 20.62 15.65 -8.09
C LYS A 10 21.02 15.17 -9.48
N SER A 11 22.32 15.01 -9.71
CA SER A 11 22.78 14.65 -11.05
C SER A 11 22.39 13.23 -11.41
N ALA A 12 22.46 12.31 -10.47
CA ALA A 12 22.20 10.90 -10.71
C ALA A 12 21.10 10.41 -9.78
N CYS A 13 20.74 9.14 -9.94
CA CYS A 13 19.87 8.44 -9.03
C CYS A 13 20.67 7.50 -8.14
N ILE A 14 20.18 7.27 -6.93
CA ILE A 14 20.81 6.27 -6.07
C ILE A 14 20.69 4.91 -6.75
N GLU A 15 21.78 4.15 -6.71
CA GLU A 15 21.79 2.82 -7.30
C GLU A 15 20.89 1.88 -6.50
N VAL A 16 20.24 0.96 -7.22
CA VAL A 16 19.24 0.08 -6.65
C VAL A 16 19.63 -1.37 -6.90
N ASP A 17 19.83 -2.13 -5.82
CA ASP A 17 20.14 -3.55 -5.87
C ASP A 17 18.83 -4.33 -5.75
N ILE A 18 18.45 -5.03 -6.82
CA ILE A 18 17.26 -5.88 -6.83
C ILE A 18 17.70 -7.30 -6.52
N GLN A 19 17.17 -7.88 -5.42
CA GLN A 19 17.50 -9.25 -5.01
C GLN A 19 16.22 -9.92 -4.50
N GLN A 20 15.38 -10.36 -5.45
CA GLN A 20 14.06 -10.88 -5.10
C GLN A 20 14.13 -12.07 -4.16
N THR A 21 15.16 -12.90 -4.28
CA THR A 21 15.24 -14.09 -3.44
C THR A 21 15.32 -13.74 -1.96
N PHE A 22 15.84 -12.56 -1.63
CA PHE A 22 15.86 -12.09 -0.25
C PHE A 22 14.49 -11.61 0.21
N PHE A 23 13.55 -11.41 -0.71
CA PHE A 23 12.20 -10.96 -0.39
C PHE A 23 11.16 -12.04 -0.66
N ASP A 24 11.59 -13.27 -0.97
CA ASP A 24 10.70 -14.40 -1.08
C ASP A 24 10.52 -15.01 0.31
N LYS A 25 9.31 -14.90 0.86
CA LYS A 25 9.04 -15.36 2.21
C LYS A 25 7.73 -16.12 2.23
N THR A 26 7.60 -17.00 3.22
CA THR A 26 6.36 -17.71 3.50
C THR A 26 5.83 -17.14 4.81
N TRP A 27 5.06 -16.07 4.71
CA TRP A 27 4.49 -15.38 5.87
C TRP A 27 2.98 -15.25 5.66
N PRO A 28 2.26 -16.37 5.62
CA PRO A 28 0.86 -16.34 5.18
C PRO A 28 -0.02 -15.55 6.14
N ARG A 29 -0.85 -14.68 5.57
CA ARG A 29 -1.88 -13.96 6.32
C ARG A 29 -3.17 -13.94 5.50
N PRO A 30 -3.77 -15.11 5.26
CA PRO A 30 -4.96 -15.17 4.40
C PRO A 30 -6.15 -14.46 5.02
N ILE A 31 -7.05 -14.04 4.15
CA ILE A 31 -8.29 -13.41 4.58
C ILE A 31 -9.09 -14.38 5.45
N ASP A 32 -9.44 -13.95 6.64
CA ASP A 32 -10.42 -14.63 7.47
C ASP A 32 -11.54 -13.64 7.78
N VAL A 33 -12.63 -13.68 6.98
CA VAL A 33 -13.70 -12.70 7.15
C VAL A 33 -14.53 -12.93 8.41
N SER A 34 -14.39 -14.07 9.08
CA SER A 34 -15.05 -14.20 10.37
C SER A 34 -14.46 -13.23 11.38
N LYS A 35 -13.20 -12.83 11.19
CA LYS A 35 -12.58 -11.74 11.93
C LYS A 35 -12.80 -10.38 11.26
N ALA A 36 -13.66 -10.32 10.25
CA ALA A 36 -13.91 -9.10 9.47
C ALA A 36 -12.63 -8.54 8.88
N ASP A 37 -11.78 -9.44 8.38
CA ASP A 37 -10.62 -9.02 7.61
C ASP A 37 -11.07 -8.42 6.30
N GLY A 38 -10.54 -7.23 5.99
CA GLY A 38 -10.67 -6.70 4.66
C GLY A 38 -12.08 -6.29 4.28
N ILE A 39 -12.82 -5.74 5.22
CA ILE A 39 -14.23 -5.42 5.02
C ILE A 39 -14.37 -3.92 4.86
N ILE A 40 -14.85 -3.49 3.69
CA ILE A 40 -15.30 -2.11 3.53
C ILE A 40 -16.72 -2.04 4.05
N TYR A 41 -16.94 -1.19 5.05
CA TYR A 41 -18.26 -0.99 5.61
C TYR A 41 -19.21 -0.48 4.54
N PRO A 42 -20.50 -0.89 4.54
CA PRO A 42 -21.46 -0.35 3.57
C PRO A 42 -21.37 1.16 3.46
N GLN A 43 -21.14 1.65 2.24
CA GLN A 43 -20.64 3.01 2.07
C GLN A 43 -21.71 4.08 2.23
N GLY A 44 -22.98 3.74 2.07
CA GLY A 44 -24.01 4.77 2.09
C GLY A 44 -24.99 4.66 3.24
N ARG A 45 -24.73 3.74 4.17
CA ARG A 45 -25.65 3.39 5.24
C ARG A 45 -24.87 3.17 6.53
N THR A 46 -25.62 3.06 7.63
CA THR A 46 -25.10 2.44 8.84
C THR A 46 -26.10 1.41 9.31
N TYR A 47 -25.59 0.36 9.95
CA TYR A 47 -26.42 -0.68 10.53
C TYR A 47 -26.01 -0.86 11.99
N SER A 48 -26.88 -1.48 12.77
CA SER A 48 -26.59 -1.70 14.18
C SER A 48 -27.40 -2.89 14.69
N ASN A 49 -26.75 -3.72 15.51
CA ASN A 49 -27.38 -4.83 16.22
C ASN A 49 -28.25 -5.69 15.30
N ILE A 50 -27.63 -6.21 14.25
CA ILE A 50 -28.40 -6.84 13.18
C ILE A 50 -27.46 -7.67 12.31
N THR A 51 -28.01 -8.70 11.68
CA THR A 51 -27.28 -9.53 10.73
C THR A 51 -28.02 -9.50 9.39
N ILE A 52 -27.30 -9.14 8.33
CA ILE A 52 -27.89 -8.99 7.00
C ILE A 52 -27.03 -9.77 6.00
N THR A 53 -27.52 -9.85 4.77
CA THR A 53 -26.70 -10.12 3.61
C THR A 53 -26.64 -8.85 2.77
N TYR A 54 -25.50 -8.64 2.12
CA TYR A 54 -25.19 -7.36 1.51
C TYR A 54 -24.31 -7.59 0.29
N GLN A 55 -24.67 -7.01 -0.84
CA GLN A 55 -23.87 -7.10 -2.06
C GLN A 55 -22.89 -5.94 -2.07
N GLY A 56 -21.61 -6.24 -1.93
CA GLY A 56 -20.58 -5.21 -2.00
C GLY A 56 -19.33 -5.65 -2.75
N LEU A 57 -18.24 -4.92 -2.53
CA LEU A 57 -16.93 -5.32 -3.02
C LEU A 57 -16.15 -5.89 -1.84
N PHE A 58 -15.76 -7.15 -1.96
CA PHE A 58 -15.10 -7.85 -0.85
C PHE A 58 -14.02 -8.75 -1.39
N PRO A 59 -13.02 -9.09 -0.57
CA PRO A 59 -12.07 -10.13 -0.93
C PRO A 59 -12.62 -11.52 -0.61
N TYR A 60 -12.04 -12.52 -1.26
CA TYR A 60 -12.45 -13.90 -1.09
C TYR A 60 -11.99 -14.44 0.26
N GLN A 61 -12.86 -15.19 0.93
CA GLN A 61 -12.43 -15.90 2.14
C GLN A 61 -11.25 -16.79 1.81
N GLY A 62 -10.23 -16.76 2.67
CA GLY A 62 -9.06 -17.58 2.50
C GLY A 62 -8.03 -17.06 1.52
N ASP A 63 -8.33 -15.97 0.81
CA ASP A 63 -7.39 -15.46 -0.18
C ASP A 63 -6.08 -15.07 0.48
N HIS A 64 -4.98 -15.60 -0.04
CA HIS A 64 -3.68 -15.27 0.53
C HIS A 64 -3.20 -13.89 0.11
N GLY A 65 -3.75 -13.33 -0.95
CA GLY A 65 -3.25 -12.05 -1.41
C GLY A 65 -1.79 -12.10 -1.88
N ASP A 66 -1.24 -10.90 -2.06
CA ASP A 66 0.14 -10.69 -2.49
C ASP A 66 0.90 -9.98 -1.38
N MET A 67 1.99 -10.58 -0.92
CA MET A 67 2.81 -10.02 0.15
C MET A 67 3.91 -9.16 -0.43
N TYR A 68 4.15 -8.02 0.23
CA TYR A 68 5.21 -7.09 -0.13
C TYR A 68 5.95 -6.69 1.14
N VAL A 69 7.26 -6.50 1.03
CA VAL A 69 8.07 -6.13 2.19
C VAL A 69 9.15 -5.15 1.75
N TYR A 70 9.43 -4.16 2.61
CA TYR A 70 10.46 -3.16 2.42
C TYR A 70 11.62 -3.45 3.35
N SER A 71 12.83 -3.07 2.91
CA SER A 71 14.03 -3.47 3.63
C SER A 71 15.00 -2.29 3.78
N ALA A 72 15.77 -2.34 4.85
CA ALA A 72 16.96 -1.50 4.98
C ALA A 72 17.89 -1.68 3.78
N GLY A 73 18.53 -0.58 3.37
CA GLY A 73 19.44 -0.64 2.24
C GLY A 73 20.82 -1.13 2.63
N HIS A 74 21.67 -1.25 1.62
CA HIS A 74 23.07 -1.58 1.90
C HIS A 74 23.70 -0.50 2.76
N ALA A 75 24.70 -0.90 3.54
CA ALA A 75 25.46 0.03 4.36
C ALA A 75 26.74 -0.66 4.79
N THR A 76 27.79 0.14 4.97
CA THR A 76 28.99 -0.30 5.66
C THR A 76 29.20 0.64 6.84
N GLY A 77 28.95 0.15 8.05
CA GLY A 77 29.01 1.01 9.20
C GLY A 77 28.01 2.15 9.07
N THR A 78 28.49 3.37 9.29
CA THR A 78 27.63 4.55 9.32
C THR A 78 27.37 5.12 7.93
N THR A 79 27.79 4.44 6.88
CA THR A 79 27.63 4.99 5.53
C THR A 79 26.61 4.16 4.74
N PRO A 80 25.41 4.68 4.50
CA PRO A 80 24.46 3.97 3.64
C PRO A 80 24.96 3.93 2.20
N GLN A 81 24.63 2.84 1.52
CA GLN A 81 25.07 2.65 0.15
C GLN A 81 23.89 2.29 -0.75
N LYS A 82 24.03 1.26 -1.58
CA LYS A 82 23.01 0.91 -2.55
C LYS A 82 21.68 0.64 -1.87
N LEU A 83 20.59 0.99 -2.54
CA LEU A 83 19.28 0.58 -2.05
C LEU A 83 19.11 -0.93 -2.25
N PHE A 84 18.23 -1.51 -1.45
CA PHE A 84 17.95 -2.95 -1.47
C PHE A 84 16.45 -3.12 -1.57
N VAL A 85 15.97 -3.68 -2.69
CA VAL A 85 14.54 -3.77 -2.98
C VAL A 85 14.22 -5.12 -3.62
N ALA A 86 12.93 -5.45 -3.63
CA ALA A 86 12.44 -6.58 -4.38
C ALA A 86 12.13 -6.16 -5.82
N ASN A 87 11.70 -7.12 -6.63
CA ASN A 87 11.45 -6.89 -8.06
C ASN A 87 10.04 -6.39 -8.33
N TYR A 88 9.48 -5.55 -7.46
CA TYR A 88 8.06 -5.22 -7.54
C TYR A 88 7.73 -4.31 -8.71
N SER A 89 8.64 -3.40 -9.08
CA SER A 89 8.31 -2.40 -10.09
C SER A 89 7.96 -3.03 -11.44
N GLN A 90 8.61 -4.14 -11.79
CA GLN A 90 8.34 -4.79 -13.07
C GLN A 90 7.12 -5.71 -13.03
N ASP A 91 6.38 -5.75 -11.92
CA ASP A 91 5.23 -6.63 -11.78
C ASP A 91 3.98 -5.76 -11.77
N VAL A 92 3.48 -5.43 -12.96
CA VAL A 92 2.30 -4.60 -13.09
C VAL A 92 1.06 -5.48 -13.01
N LYS A 93 0.12 -5.11 -12.15
CA LYS A 93 -1.07 -5.92 -11.94
C LYS A 93 -2.33 -5.20 -12.41
N GLN A 94 -3.39 -6.00 -12.60
CA GLN A 94 -4.68 -5.47 -13.03
C GLN A 94 -5.40 -4.86 -11.85
N PHE A 95 -5.91 -3.64 -12.00
CA PHE A 95 -6.62 -2.99 -10.91
C PHE A 95 -7.99 -3.62 -10.70
N ALA A 96 -8.74 -3.81 -11.79
CA ALA A 96 -10.07 -4.45 -11.79
C ALA A 96 -11.00 -3.64 -10.90
N ASN A 97 -11.48 -4.18 -9.79
CA ASN A 97 -12.42 -3.47 -8.93
C ASN A 97 -11.72 -2.75 -7.78
N GLY A 98 -10.39 -2.77 -7.74
CA GLY A 98 -9.65 -2.23 -6.63
C GLY A 98 -9.20 -3.31 -5.68
N PHE A 99 -8.71 -2.88 -4.53
CA PHE A 99 -8.10 -3.84 -3.60
C PHE A 99 -8.09 -3.26 -2.20
N VAL A 100 -7.82 -4.14 -1.23
CA VAL A 100 -7.63 -3.76 0.16
C VAL A 100 -6.28 -4.31 0.63
N VAL A 101 -5.75 -3.70 1.68
CA VAL A 101 -4.37 -3.93 2.11
C VAL A 101 -4.33 -4.13 3.63
N ARG A 102 -3.71 -5.22 4.06
CA ARG A 102 -3.42 -5.47 5.47
C ARG A 102 -2.05 -4.88 5.81
N ILE A 103 -2.02 -3.92 6.73
CA ILE A 103 -0.83 -3.13 7.02
C ILE A 103 -0.39 -3.41 8.45
N GLY A 104 0.89 -3.75 8.63
CA GLY A 104 1.48 -3.78 9.95
C GLY A 104 1.09 -4.94 10.84
N ALA A 105 0.64 -6.05 10.27
CA ALA A 105 0.07 -7.12 11.10
C ALA A 105 1.12 -7.78 11.99
N ALA A 106 2.39 -7.77 11.58
CA ALA A 106 3.42 -8.46 12.34
C ALA A 106 4.10 -7.56 13.37
N ALA A 107 3.70 -6.30 13.46
CA ALA A 107 4.41 -5.37 14.34
C ALA A 107 4.44 -5.90 15.77
N ASN A 108 5.53 -5.56 16.47
CA ASN A 108 5.83 -5.98 17.85
C ASN A 108 6.46 -7.37 17.93
N SER A 109 6.28 -8.21 16.92
CA SER A 109 6.91 -9.51 16.96
C SER A 109 8.34 -9.40 16.42
N THR A 110 9.06 -10.52 16.44
CA THR A 110 10.46 -10.53 16.03
C THR A 110 10.56 -11.01 14.60
N GLY A 111 11.34 -10.29 13.80
CA GLY A 111 11.52 -10.64 12.41
C GLY A 111 12.91 -10.36 11.92
N THR A 112 13.11 -10.40 10.61
CA THR A 112 14.42 -10.21 10.00
C THR A 112 14.53 -8.83 9.37
N VAL A 113 15.77 -8.33 9.31
CA VAL A 113 16.01 -7.03 8.68
C VAL A 113 16.24 -7.22 7.19
N ILE A 114 15.99 -8.44 6.70
CA ILE A 114 15.99 -8.79 5.27
C ILE A 114 17.38 -8.71 4.64
N ILE A 115 17.96 -7.50 4.62
CA ILE A 115 19.25 -7.32 3.96
C ILE A 115 20.30 -8.20 4.61
N SER A 116 20.28 -8.30 5.94
CA SER A 116 21.07 -9.29 6.66
C SER A 116 20.11 -10.32 7.22
N PRO A 117 19.93 -11.48 6.56
CA PRO A 117 18.81 -12.36 6.93
C PRO A 117 18.87 -12.86 8.36
N SER A 118 20.07 -13.09 8.90
CA SER A 118 20.23 -13.64 10.24
C SER A 118 20.23 -12.57 11.33
N THR A 119 20.04 -11.30 10.98
CA THR A 119 19.92 -10.24 11.97
C THR A 119 18.45 -10.03 12.29
N SER A 120 18.09 -10.11 13.56
CA SER A 120 16.70 -9.99 13.99
C SER A 120 16.46 -8.64 14.66
N ALA A 121 15.19 -8.24 14.67
CA ALA A 121 14.78 -7.00 15.31
C ALA A 121 13.27 -7.05 15.53
N THR A 122 12.80 -6.16 16.42
CA THR A 122 11.37 -5.99 16.65
C THR A 122 10.73 -5.35 15.42
N ILE A 123 9.64 -5.94 14.95
CA ILE A 123 9.01 -5.52 13.70
C ILE A 123 8.22 -4.24 13.92
N ARG A 124 8.35 -3.29 12.99
CA ARG A 124 7.64 -2.03 13.05
C ARG A 124 6.75 -1.88 11.82
N LYS A 125 5.58 -1.27 12.01
CA LYS A 125 4.69 -1.01 10.90
C LYS A 125 5.36 -0.11 9.86
N ILE A 126 5.11 -0.38 8.59
CA ILE A 126 5.55 0.49 7.51
C ILE A 126 4.40 0.62 6.51
N TYR A 127 4.24 1.81 5.95
CA TYR A 127 3.10 2.02 5.08
C TYR A 127 3.47 1.72 3.63
N PRO A 128 2.50 1.24 2.87
CA PRO A 128 2.74 0.86 1.47
C PRO A 128 2.64 2.05 0.53
N ALA A 129 3.23 1.89 -0.66
CA ALA A 129 3.20 2.90 -1.70
C ALA A 129 2.77 2.28 -3.02
N PHE A 130 1.97 3.01 -3.80
CA PHE A 130 1.38 2.48 -5.01
C PHE A 130 1.51 3.47 -6.16
N MET A 131 1.69 2.91 -7.35
CA MET A 131 1.59 3.61 -8.62
C MET A 131 0.42 3.02 -9.39
N LEU A 132 -0.52 3.87 -9.83
CA LEU A 132 -1.72 3.41 -10.52
C LEU A 132 -2.00 4.30 -11.72
N GLY A 133 -2.49 3.71 -12.79
CA GLY A 133 -2.79 4.53 -13.95
C GLY A 133 -3.64 3.84 -15.00
N SER A 134 -3.70 4.48 -16.16
CA SER A 134 -4.49 4.06 -17.32
C SER A 134 -3.73 3.11 -18.24
N SER A 135 -2.50 3.47 -18.59
CA SER A 135 -1.75 2.67 -19.54
C SER A 135 -0.30 2.57 -19.10
N VAL A 136 0.31 1.43 -19.42
CA VAL A 136 1.65 1.09 -18.98
C VAL A 136 2.46 0.62 -20.18
N GLY A 137 3.77 0.56 -19.98
CA GLY A 137 4.65 0.07 -21.01
C GLY A 137 6.03 -0.19 -20.45
N ASN A 138 7.05 -0.04 -21.29
CA ASN A 138 8.41 -0.36 -20.89
C ASN A 138 9.27 0.90 -20.85
N PHE A 139 10.29 0.87 -19.99
CA PHE A 139 11.27 1.94 -19.98
C PHE A 139 12.22 1.78 -21.17
N SER A 140 13.09 2.78 -21.35
CA SER A 140 13.92 2.85 -22.53
C SER A 140 14.79 1.60 -22.69
N ASP A 141 15.26 1.04 -21.59
CA ASP A 141 16.09 -0.16 -21.63
C ASP A 141 15.27 -1.44 -21.71
N GLY A 142 13.96 -1.35 -21.94
CA GLY A 142 13.13 -2.51 -22.16
C GLY A 142 12.49 -3.09 -20.91
N LYS A 143 12.79 -2.55 -19.74
CA LYS A 143 12.20 -3.05 -18.51
C LYS A 143 10.74 -2.61 -18.41
N MET A 144 9.91 -3.50 -17.87
CA MET A 144 8.51 -3.18 -17.66
C MET A 144 8.34 -2.25 -16.46
N GLY A 145 7.18 -1.62 -16.38
CA GLY A 145 6.78 -0.87 -15.21
C GLY A 145 6.64 0.62 -15.39
N ARG A 146 6.65 1.12 -16.63
CA ARG A 146 6.51 2.54 -16.88
C ARG A 146 5.04 2.88 -17.09
N PHE A 147 4.53 3.81 -16.29
CA PHE A 147 3.17 4.30 -16.42
C PHE A 147 3.19 5.56 -17.27
N PHE A 148 2.36 5.57 -18.31
CA PHE A 148 2.27 6.68 -19.24
C PHE A 148 1.12 7.61 -18.86
N ASN A 149 1.19 8.83 -19.41
CA ASN A 149 0.15 9.84 -19.21
C ASN A 149 -0.01 10.13 -17.71
N HIS A 150 -1.18 10.60 -17.29
CA HIS A 150 -1.33 10.97 -15.88
C HIS A 150 -1.40 9.72 -15.01
N THR A 151 -0.62 9.74 -13.93
CA THR A 151 -0.44 8.57 -13.08
C THR A 151 -0.68 8.96 -11.63
N LEU A 152 -1.47 8.16 -10.92
CA LEU A 152 -1.73 8.37 -9.51
C LEU A 152 -0.67 7.69 -8.68
N VAL A 153 -0.06 8.44 -7.78
CA VAL A 153 0.97 7.93 -6.88
C VAL A 153 0.48 8.14 -5.45
N LEU A 154 0.50 7.06 -4.67
CA LEU A 154 0.21 7.12 -3.24
C LEU A 154 1.52 6.83 -2.52
N LEU A 155 2.05 7.83 -1.80
CA LEU A 155 3.40 7.70 -1.28
C LEU A 155 3.48 8.19 0.16
N PRO A 156 3.76 7.31 1.11
CA PRO A 156 4.03 7.77 2.50
C PRO A 156 5.22 8.72 2.52
N ASP A 157 5.31 9.50 3.59
CA ASP A 157 6.41 10.44 3.73
C ASP A 157 6.53 10.86 5.19
N GLY A 158 7.62 11.57 5.48
CA GLY A 158 7.84 12.02 6.85
C GLY A 158 7.99 10.90 7.85
N CYS A 159 8.72 9.84 7.48
CA CYS A 159 8.94 8.69 8.35
C CYS A 159 7.63 8.04 8.79
N GLY A 160 6.64 8.05 7.90
CA GLY A 160 5.35 7.44 8.19
C GLY A 160 4.35 8.35 8.88
N THR A 161 4.53 9.66 8.82
CA THR A 161 3.59 10.60 9.44
C THR A 161 2.76 11.37 8.42
N LEU A 162 2.78 10.96 7.15
CA LEU A 162 1.84 11.49 6.18
C LEU A 162 1.75 10.57 4.98
N LEU A 163 0.61 10.61 4.31
CA LEU A 163 0.38 9.92 3.05
C LEU A 163 0.15 10.97 1.98
N ARG A 164 0.93 10.91 0.90
CA ARG A 164 0.81 11.83 -0.22
C ARG A 164 0.00 11.18 -1.33
N ALA A 165 -0.84 11.97 -1.99
CA ALA A 165 -1.61 11.51 -3.12
C ALA A 165 -1.50 12.57 -4.21
N PHE A 166 -0.93 12.19 -5.36
CA PHE A 166 -0.76 13.15 -6.44
C PHE A 166 -0.92 12.47 -7.78
N TYR A 167 -1.28 13.27 -8.78
CA TYR A 167 -1.69 12.79 -10.10
C TYR A 167 -0.92 13.63 -11.11
N CYS A 168 0.15 13.07 -11.65
CA CYS A 168 1.07 13.79 -12.52
C CYS A 168 1.49 12.89 -13.67
N ILE A 169 2.04 13.51 -14.72
CA ILE A 169 2.79 12.77 -15.72
C ILE A 169 4.20 12.53 -15.18
N LEU A 170 4.68 11.29 -15.28
CA LEU A 170 5.97 10.91 -14.73
C LEU A 170 6.99 10.88 -15.88
N GLU A 171 7.86 11.88 -15.93
CA GLU A 171 8.89 11.96 -16.95
C GLU A 171 10.17 11.35 -16.42
N PRO A 172 10.58 10.16 -16.88
CA PRO A 172 11.79 9.53 -16.33
C PRO A 172 13.02 10.39 -16.60
N ARG A 173 13.79 10.63 -15.53
CA ARG A 173 14.98 11.45 -15.63
C ARG A 173 16.12 10.65 -16.27
N SER A 174 17.15 11.38 -16.72
CA SER A 174 18.14 10.81 -17.62
C SER A 174 19.49 10.57 -16.96
N GLY A 175 19.62 10.83 -15.66
CA GLY A 175 20.87 10.63 -14.97
C GLY A 175 21.19 9.17 -14.75
N ASN A 176 22.38 8.94 -14.20
CA ASN A 176 22.86 7.59 -13.93
C ASN A 176 21.92 6.87 -12.96
N HIS A 177 21.52 5.66 -13.35
CA HIS A 177 20.62 4.75 -12.62
C HIS A 177 19.17 5.23 -12.62
N CYS A 178 18.85 6.32 -13.32
CA CYS A 178 17.47 6.79 -13.45
C CYS A 178 16.76 6.06 -14.59
N PRO A 179 15.43 5.97 -14.55
CA PRO A 179 14.72 5.12 -15.55
C PRO A 179 14.92 5.53 -17.00
N ALA A 180 15.55 6.67 -17.28
CA ALA A 180 15.95 7.02 -18.64
C ALA A 180 17.46 7.24 -18.74
N GLY A 181 18.21 6.57 -17.87
CA GLY A 181 19.66 6.68 -17.90
C GLY A 181 20.39 5.35 -17.90
N ASN A 182 21.71 5.40 -17.77
CA ASN A 182 22.52 4.19 -17.75
C ASN A 182 22.27 3.38 -16.48
N SER A 183 22.54 2.08 -16.60
CA SER A 183 22.58 1.18 -15.45
C SER A 183 21.28 1.25 -14.63
N TYR A 184 20.15 1.30 -15.33
CA TYR A 184 18.86 1.31 -14.65
C TYR A 184 18.46 -0.10 -14.26
N THR A 185 18.03 -0.27 -13.01
CA THR A 185 17.49 -1.55 -12.55
C THR A 185 16.04 -1.40 -12.12
N SER A 186 15.76 -0.60 -11.10
CA SER A 186 14.40 -0.30 -10.69
C SER A 186 14.38 1.10 -10.10
N PHE A 187 13.25 1.79 -10.26
CA PHE A 187 13.06 2.96 -9.43
C PHE A 187 12.65 2.53 -8.03
N ALA A 188 12.61 3.48 -7.12
CA ALA A 188 12.35 3.21 -5.70
C ALA A 188 12.25 4.56 -5.01
N THR A 189 11.79 4.52 -3.76
CA THR A 189 11.90 5.68 -2.88
C THR A 189 12.74 5.30 -1.68
N TYR A 190 13.17 6.31 -0.93
CA TYR A 190 13.98 6.06 0.27
C TYR A 190 13.85 7.25 1.20
N HIS A 191 14.23 7.02 2.45
CA HIS A 191 14.53 8.10 3.38
C HIS A 191 15.70 7.65 4.24
N THR A 192 16.31 8.64 4.92
CA THR A 192 17.55 8.45 5.65
C THR A 192 17.31 8.81 7.11
N PRO A 193 17.04 7.84 7.98
CA PRO A 193 16.57 8.17 9.33
C PRO A 193 17.46 9.13 10.09
N ALA A 194 18.78 8.98 9.98
CA ALA A 194 19.70 9.81 10.76
C ALA A 194 19.51 11.30 10.50
N THR A 195 19.07 11.67 9.30
CA THR A 195 18.81 13.07 9.00
C THR A 195 17.33 13.37 8.72
N ASP A 196 16.51 12.36 8.46
CA ASP A 196 15.12 12.58 8.09
C ASP A 196 14.12 12.32 9.22
N CYS A 197 14.52 11.64 10.29
CA CYS A 197 13.58 11.29 11.35
C CYS A 197 14.08 11.73 12.72
N SER A 198 14.71 12.89 12.79
CA SER A 198 15.12 13.42 14.10
C SER A 198 13.88 13.84 14.88
N ASP A 199 13.91 13.60 16.19
CA ASP A 199 12.70 13.65 17.02
C ASP A 199 11.90 14.93 16.80
N GLY A 200 12.57 16.07 16.77
CA GLY A 200 11.86 17.33 16.62
C GLY A 200 11.16 17.49 15.28
N ASN A 201 11.92 17.41 14.19
CA ASN A 201 11.46 17.81 12.87
C ASN A 201 11.71 16.68 11.88
N TYR A 202 10.70 15.84 11.68
CA TYR A 202 10.74 14.87 10.59
C TYR A 202 10.72 15.61 9.25
N ASN A 203 11.44 15.05 8.28
CA ASN A 203 11.46 15.61 6.93
C ASN A 203 10.23 15.09 6.19
N ARG A 204 9.22 15.94 6.05
CA ARG A 204 7.96 15.55 5.42
C ARG A 204 8.05 15.47 3.91
N ASN A 205 9.22 15.72 3.31
CA ASN A 205 9.40 15.64 1.87
C ASN A 205 10.46 14.63 1.46
N ALA A 206 10.99 13.86 2.39
CA ALA A 206 12.13 13.00 2.07
C ALA A 206 11.77 11.96 1.02
N SER A 207 10.63 11.29 1.19
CA SER A 207 10.24 10.26 0.21
C SER A 207 9.87 10.88 -1.13
N LEU A 208 9.18 12.02 -1.12
CA LEU A 208 8.84 12.69 -2.38
C LEU A 208 10.11 13.18 -3.10
N ASN A 209 11.08 13.70 -2.34
CA ASN A 209 12.32 14.13 -2.97
C ASN A 209 13.01 12.95 -3.65
N SER A 210 13.08 11.81 -2.97
CA SER A 210 13.69 10.64 -3.57
C SER A 210 12.96 10.25 -4.85
N PHE A 211 11.63 10.25 -4.82
CA PHE A 211 10.85 9.96 -6.03
C PHE A 211 11.19 10.94 -7.15
N LYS A 212 11.37 12.21 -6.82
CA LYS A 212 11.64 13.22 -7.84
C LYS A 212 13.04 13.12 -8.43
N GLU A 213 13.91 12.30 -7.84
CA GLU A 213 15.19 12.00 -8.45
C GLU A 213 15.04 11.01 -9.60
N TYR A 214 14.04 10.12 -9.52
CA TYR A 214 13.80 9.16 -10.60
C TYR A 214 12.90 9.73 -11.70
N PHE A 215 11.89 10.52 -11.34
CA PHE A 215 10.96 11.08 -12.31
C PHE A 215 10.81 12.59 -12.10
N ASN A 216 10.74 13.33 -13.20
CA ASN A 216 10.25 14.70 -13.14
C ASN A 216 8.73 14.69 -13.19
N LEU A 217 8.09 15.44 -12.29
CA LEU A 217 6.63 15.51 -12.23
C LEU A 217 6.14 16.65 -13.11
N ARG A 218 5.14 16.38 -13.94
CA ARG A 218 4.68 17.33 -14.94
C ARG A 218 3.16 17.40 -14.92
N ASN A 219 2.62 18.63 -14.93
CA ASN A 219 1.20 18.88 -15.06
C ASN A 219 0.38 18.13 -13.99
N CYS A 220 0.77 18.32 -12.74
CA CYS A 220 0.05 17.71 -11.62
C CYS A 220 -1.28 18.41 -11.42
N THR A 221 -2.36 17.64 -11.42
CA THR A 221 -3.68 18.22 -11.17
C THR A 221 -3.96 18.39 -9.68
N PHE A 222 -3.35 17.56 -8.83
CA PHE A 222 -3.48 17.74 -7.39
C PHE A 222 -2.32 17.09 -6.68
N MET A 223 -2.03 17.62 -5.49
CA MET A 223 -1.09 17.03 -4.55
C MET A 223 -1.73 17.17 -3.18
N TYR A 224 -2.26 16.08 -2.65
CA TYR A 224 -2.90 16.06 -1.35
C TYR A 224 -2.00 15.38 -0.32
N THR A 225 -2.11 15.84 0.92
CA THR A 225 -1.41 15.23 2.04
C THR A 225 -2.40 14.92 3.15
N TYR A 226 -2.20 13.77 3.80
CA TYR A 226 -3.03 13.32 4.90
C TYR A 226 -2.13 12.95 6.07
N ASN A 227 -2.27 13.66 7.19
CA ASN A 227 -1.44 13.44 8.36
C ASN A 227 -1.70 12.07 8.97
N ILE A 228 -0.64 11.45 9.46
CA ILE A 228 -0.70 10.20 10.23
C ILE A 228 0.11 10.42 11.50
N THR A 229 -0.41 9.96 12.64
CA THR A 229 0.40 9.93 13.85
C THR A 229 0.95 8.54 14.08
N GLU A 230 2.05 8.48 14.83
CA GLU A 230 2.82 7.25 14.98
C GLU A 230 2.18 6.32 16.01
N ASP A 231 1.92 5.09 15.60
CA ASP A 231 1.68 3.99 16.53
C ASP A 231 2.01 2.70 15.79
N GLU A 232 1.82 1.58 16.47
CA GLU A 232 2.08 0.26 15.90
C GLU A 232 0.80 -0.55 15.76
N ILE A 233 -0.34 0.13 15.67
CA ILE A 233 -1.63 -0.54 15.55
C ILE A 233 -1.82 -0.96 14.10
N LEU A 234 -2.19 -2.22 13.87
CA LEU A 234 -2.40 -2.66 12.50
C LEU A 234 -3.60 -1.94 11.90
N GLU A 235 -3.60 -1.85 10.57
CA GLU A 235 -4.61 -1.08 9.85
C GLU A 235 -4.99 -1.79 8.57
N TRP A 236 -6.12 -1.35 8.02
CA TRP A 236 -6.58 -1.76 6.70
C TRP A 236 -6.72 -0.52 5.82
N PHE A 237 -6.32 -0.66 4.56
CA PHE A 237 -6.40 0.40 3.56
C PHE A 237 -7.06 -0.17 2.32
N GLY A 238 -7.96 0.61 1.71
CA GLY A 238 -8.63 0.17 0.50
C GLY A 238 -8.71 1.28 -0.52
N ILE A 239 -8.91 0.88 -1.78
CA ILE A 239 -9.05 1.82 -2.89
C ILE A 239 -10.01 1.23 -3.92
N THR A 240 -10.92 2.08 -4.42
CA THR A 240 -11.85 1.72 -5.48
C THR A 240 -11.96 2.91 -6.42
N GLN A 241 -12.69 2.74 -7.52
CA GLN A 241 -12.96 3.86 -8.41
C GLN A 241 -14.38 3.74 -8.95
N THR A 242 -15.10 4.86 -8.90
CA THR A 242 -16.41 4.99 -9.54
C THR A 242 -16.37 6.25 -10.40
N ALA A 243 -17.52 6.63 -10.95
CA ALA A 243 -17.60 7.86 -11.73
C ALA A 243 -17.28 9.08 -10.89
N GLN A 244 -17.44 9.00 -9.57
CA GLN A 244 -17.13 10.11 -8.67
C GLN A 244 -15.63 10.29 -8.45
N GLY A 245 -14.81 9.36 -8.91
CA GLY A 245 -13.37 9.45 -8.69
C GLY A 245 -12.78 8.24 -7.99
N VAL A 246 -11.57 8.39 -7.47
CA VAL A 246 -10.88 7.31 -6.77
C VAL A 246 -11.12 7.45 -5.28
N HIS A 247 -11.60 6.38 -4.66
CA HIS A 247 -11.99 6.42 -3.25
C HIS A 247 -10.92 5.73 -2.41
N LEU A 248 -10.42 6.45 -1.40
CA LEU A 248 -9.46 5.91 -0.44
C LEU A 248 -10.18 5.52 0.85
N PHE A 249 -9.87 4.33 1.35
CA PHE A 249 -10.50 3.80 2.56
C PHE A 249 -9.44 3.51 3.61
N SER A 250 -9.81 3.66 4.87
CA SER A 250 -8.92 3.30 5.97
C SER A 250 -9.76 2.91 7.18
N SER A 251 -9.15 2.12 8.06
CA SER A 251 -9.71 1.85 9.37
C SER A 251 -9.27 2.85 10.42
N ARG A 252 -8.28 3.70 10.10
CA ARG A 252 -7.61 4.51 11.12
C ARG A 252 -8.55 5.51 11.78
N TYR A 253 -9.42 6.16 10.99
CA TYR A 253 -10.21 7.25 11.55
C TYR A 253 -11.41 6.75 12.33
N VAL A 254 -12.09 5.73 11.82
CA VAL A 254 -13.40 5.35 12.33
C VAL A 254 -13.39 4.03 13.09
N ASP A 255 -12.45 3.12 12.80
CA ASP A 255 -12.41 1.84 13.50
C ASP A 255 -10.97 1.44 13.75
N LEU A 256 -10.22 2.34 14.39
CA LEU A 256 -8.78 2.15 14.60
C LEU A 256 -8.46 0.77 15.18
N TYR A 257 -9.23 0.33 16.17
CA TYR A 257 -8.94 -0.93 16.87
C TYR A 257 -9.71 -2.12 16.32
N GLY A 258 -10.63 -1.92 15.38
CA GLY A 258 -11.46 -3.01 14.90
C GLY A 258 -11.23 -3.39 13.45
N GLY A 259 -10.74 -2.45 12.64
CA GLY A 259 -10.33 -2.76 11.28
C GLY A 259 -11.32 -2.41 10.18
N ASN A 260 -12.59 -2.17 10.49
CA ASN A 260 -13.56 -1.82 9.45
C ASN A 260 -13.04 -0.65 8.63
N MET A 261 -13.28 -0.70 7.32
CA MET A 261 -12.76 0.32 6.41
C MET A 261 -13.84 1.33 6.05
N PHE A 262 -13.50 2.61 6.17
CA PHE A 262 -14.37 3.72 5.83
C PHE A 262 -13.65 4.68 4.91
N GLN A 263 -14.41 5.31 4.03
CA GLN A 263 -13.86 6.28 3.09
C GLN A 263 -13.38 7.53 3.84
N PHE A 264 -12.17 7.98 3.50
CA PHE A 264 -11.68 9.23 4.05
C PHE A 264 -11.31 10.25 2.99
N ALA A 265 -11.24 9.87 1.71
CA ALA A 265 -10.89 10.81 0.65
C ALA A 265 -11.46 10.33 -0.67
N THR A 266 -11.81 11.28 -1.52
CA THR A 266 -12.21 11.02 -2.90
C THR A 266 -11.34 11.88 -3.80
N LEU A 267 -10.54 11.22 -4.67
CA LEU A 267 -9.59 11.90 -5.54
C LEU A 267 -10.24 12.18 -6.91
N PRO A 268 -10.05 13.40 -7.45
CA PRO A 268 -10.58 13.69 -8.79
C PRO A 268 -9.80 12.98 -9.89
N VAL A 269 -9.91 11.66 -9.94
CA VAL A 269 -9.26 10.81 -10.94
C VAL A 269 -10.37 10.12 -11.71
N TYR A 270 -10.59 10.54 -12.96
CA TYR A 270 -11.75 10.09 -13.73
C TYR A 270 -11.38 9.23 -14.94
N ASP A 271 -10.11 9.16 -15.30
CA ASP A 271 -9.69 8.15 -16.27
C ASP A 271 -9.64 6.80 -15.59
N THR A 272 -10.18 5.79 -16.26
CA THR A 272 -10.30 4.48 -15.65
C THR A 272 -8.93 3.93 -15.26
N ILE A 273 -8.75 3.70 -13.96
CA ILE A 273 -7.54 3.03 -13.49
C ILE A 273 -7.61 1.56 -13.92
N LYS A 274 -6.61 1.13 -14.70
CA LYS A 274 -6.54 -0.25 -15.16
C LYS A 274 -5.37 -1.04 -14.61
N TYR A 275 -4.31 -0.37 -14.15
CA TYR A 275 -3.09 -1.06 -13.74
C TYR A 275 -2.52 -0.41 -12.49
N TYR A 276 -1.82 -1.21 -11.69
CA TYR A 276 -1.10 -0.67 -10.55
C TYR A 276 0.17 -1.48 -10.31
N SER A 277 1.12 -0.86 -9.59
CA SER A 277 2.27 -1.57 -9.08
C SER A 277 2.56 -1.05 -7.68
N ILE A 278 3.38 -1.82 -6.96
CA ILE A 278 3.82 -1.45 -5.62
C ILE A 278 5.17 -0.78 -5.76
N ILE A 279 5.30 0.42 -5.21
CA ILE A 279 6.56 1.17 -5.29
C ILE A 279 7.48 0.67 -4.20
N PRO A 280 8.64 0.11 -4.53
CA PRO A 280 9.57 -0.31 -3.48
C PRO A 280 10.15 0.89 -2.74
N HIS A 281 10.29 0.72 -1.43
CA HIS A 281 10.95 1.70 -0.58
C HIS A 281 12.12 1.00 0.09
N SER A 282 13.20 1.72 0.31
CA SER A 282 14.34 1.15 1.00
C SER A 282 14.83 2.19 1.99
N ILE A 283 15.12 1.77 3.21
CA ILE A 283 15.46 2.70 4.29
C ILE A 283 16.98 2.78 4.39
N ARG A 284 17.52 3.99 4.23
CA ARG A 284 18.96 4.22 4.24
C ARG A 284 19.45 4.38 5.68
N SER A 285 19.39 3.27 6.41
CA SER A 285 19.86 3.23 7.78
C SER A 285 21.35 2.88 7.84
N ILE A 286 21.98 3.21 8.96
CA ILE A 286 23.32 2.73 9.19
C ILE A 286 23.27 1.24 9.52
N GLN A 287 24.41 0.57 9.31
CA GLN A 287 24.44 -0.88 9.39
C GLN A 287 24.00 -1.39 10.76
N SER A 288 24.38 -0.69 11.82
CA SER A 288 24.14 -1.17 13.18
C SER A 288 22.73 -0.87 13.69
N ASP A 289 21.92 -0.10 12.95
CA ASP A 289 20.63 0.34 13.44
C ASP A 289 19.53 0.05 12.43
N ARG A 290 19.58 -1.14 11.82
CA ARG A 290 18.56 -1.56 10.88
C ARG A 290 17.35 -2.09 11.62
N LYS A 291 16.18 -1.90 11.02
CA LYS A 291 14.93 -2.35 11.63
C LYS A 291 14.25 -3.38 10.74
N ALA A 292 13.33 -4.11 11.35
CA ALA A 292 12.48 -5.06 10.63
C ALA A 292 11.15 -4.37 10.37
N TRP A 293 10.75 -4.30 9.11
CA TRP A 293 9.56 -3.59 8.69
C TRP A 293 8.50 -4.61 8.28
N ALA A 294 7.29 -4.44 8.84
CA ALA A 294 6.21 -5.41 8.64
C ALA A 294 5.80 -5.48 7.17
N ALA A 295 5.75 -6.70 6.64
CA ALA A 295 5.17 -6.90 5.33
C ALA A 295 3.71 -6.44 5.32
N PHE A 296 3.26 -5.97 4.16
CA PHE A 296 1.84 -5.72 3.93
C PHE A 296 1.33 -6.65 2.83
N TYR A 297 0.02 -6.86 2.82
CA TYR A 297 -0.62 -7.86 1.98
C TYR A 297 -1.75 -7.20 1.21
N VAL A 298 -1.81 -7.46 -0.10
CA VAL A 298 -2.80 -6.85 -0.98
C VAL A 298 -3.76 -7.92 -1.47
N TYR A 299 -5.07 -7.65 -1.36
CA TYR A 299 -6.11 -8.59 -1.75
C TYR A 299 -7.08 -7.90 -2.69
N LYS A 300 -7.35 -8.52 -3.83
CA LYS A 300 -8.23 -7.91 -4.81
C LYS A 300 -9.68 -7.96 -4.34
N LEU A 301 -10.44 -6.93 -4.70
CA LEU A 301 -11.86 -6.85 -4.38
C LEU A 301 -12.66 -7.49 -5.51
N GLN A 302 -13.75 -8.15 -5.15
CA GLN A 302 -14.66 -8.80 -6.09
C GLN A 302 -16.09 -8.46 -5.72
N PRO A 303 -17.00 -8.41 -6.71
CA PRO A 303 -18.42 -8.22 -6.39
C PRO A 303 -18.98 -9.48 -5.75
N LEU A 304 -19.26 -9.42 -4.46
CA LEU A 304 -19.68 -10.59 -3.69
C LEU A 304 -20.78 -10.21 -2.72
N THR A 305 -21.62 -11.19 -2.41
CA THR A 305 -22.63 -11.07 -1.38
C THR A 305 -22.08 -11.66 -0.08
N PHE A 306 -22.02 -10.85 0.97
CA PHE A 306 -21.51 -11.26 2.27
C PHE A 306 -22.63 -11.24 3.30
N LEU A 307 -22.58 -12.15 4.26
CA LEU A 307 -23.28 -11.95 5.52
C LEU A 307 -22.48 -10.98 6.36
N LEU A 308 -23.13 -9.96 6.90
CA LEU A 308 -22.48 -8.96 7.74
C LEU A 308 -23.18 -8.89 9.08
N ASP A 309 -22.43 -9.03 10.17
CA ASP A 309 -22.95 -9.02 11.53
C ASP A 309 -22.49 -7.75 12.24
N PHE A 310 -23.44 -6.89 12.59
CA PHE A 310 -23.15 -5.57 13.14
C PHE A 310 -23.35 -5.58 14.65
N SER A 311 -22.35 -5.12 15.39
CA SER A 311 -22.47 -5.03 16.84
C SER A 311 -23.45 -3.92 17.21
N VAL A 312 -23.73 -3.80 18.52
CA VAL A 312 -24.69 -2.80 18.98
C VAL A 312 -24.23 -1.40 18.60
N ASP A 313 -22.95 -1.11 18.78
CA ASP A 313 -22.45 0.21 18.40
C ASP A 313 -22.30 0.39 16.89
N GLY A 314 -22.59 -0.64 16.08
CA GLY A 314 -22.71 -0.47 14.65
C GLY A 314 -21.58 -0.99 13.80
N TYR A 315 -20.55 -1.59 14.40
CA TYR A 315 -19.40 -2.05 13.65
C TYR A 315 -19.53 -3.53 13.27
N ILE A 316 -18.85 -3.91 12.20
CA ILE A 316 -18.90 -5.30 11.72
C ILE A 316 -17.83 -6.09 12.45
N ARG A 317 -18.27 -7.08 13.24
CA ARG A 317 -17.34 -7.96 13.95
C ARG A 317 -17.33 -9.38 13.42
N ARG A 318 -18.24 -9.73 12.51
CA ARG A 318 -18.28 -11.07 11.93
C ARG A 318 -18.86 -10.98 10.53
N ALA A 319 -18.32 -11.77 9.62
CA ALA A 319 -18.81 -11.82 8.24
C ALA A 319 -18.68 -13.25 7.73
N ILE A 320 -19.41 -13.52 6.64
CA ILE A 320 -19.32 -14.82 5.96
C ILE A 320 -19.34 -14.56 4.46
N ASP A 321 -18.37 -15.13 3.76
CA ASP A 321 -18.32 -15.10 2.30
C ASP A 321 -19.30 -16.13 1.78
N CYS A 322 -20.52 -15.68 1.42
CA CYS A 322 -21.60 -16.60 1.09
C CYS A 322 -21.17 -17.61 0.04
N GLY A 323 -20.49 -17.15 -1.00
CA GLY A 323 -20.09 -18.01 -2.09
C GLY A 323 -18.87 -18.88 -1.85
N PHE A 324 -18.30 -18.87 -0.65
CA PHE A 324 -17.08 -19.63 -0.39
C PHE A 324 -17.29 -21.12 -0.58
N ASN A 325 -18.38 -21.66 -0.05
CA ASN A 325 -18.74 -23.05 -0.26
C ASN A 325 -20.21 -23.23 0.11
N ASP A 326 -20.71 -24.46 -0.06
CA ASP A 326 -22.13 -24.71 0.17
C ASP A 326 -22.52 -24.43 1.61
N LEU A 327 -21.69 -24.82 2.57
CA LEU A 327 -22.01 -24.59 3.98
C LEU A 327 -22.11 -23.11 4.29
N SER A 328 -21.20 -22.32 3.72
CA SER A 328 -21.25 -20.86 3.92
C SER A 328 -22.51 -20.28 3.29
N GLN A 329 -22.88 -20.76 2.09
CA GLN A 329 -24.07 -20.28 1.40
C GLN A 329 -25.33 -20.49 2.23
N LEU A 330 -25.37 -21.56 3.02
CA LEU A 330 -26.54 -21.79 3.87
C LEU A 330 -26.70 -20.71 4.93
N HIS A 331 -25.59 -20.15 5.44
CA HIS A 331 -25.68 -19.05 6.40
C HIS A 331 -26.37 -17.83 5.82
N CYS A 332 -26.23 -17.63 4.51
CA CYS A 332 -26.81 -16.49 3.84
C CYS A 332 -28.21 -16.76 3.30
N SER A 333 -28.79 -17.92 3.62
CA SER A 333 -30.13 -18.27 3.16
C SER A 333 -31.16 -17.86 4.19
N TYR A 334 -32.16 -17.11 3.75
CA TYR A 334 -33.25 -16.70 4.65
C TYR A 334 -34.15 -17.86 5.03
N GLU A 335 -34.06 -19.00 4.34
CA GLU A 335 -34.90 -20.15 4.66
C GLU A 335 -34.23 -21.18 5.54
N SER A 336 -32.90 -21.17 5.63
CA SER A 336 -32.20 -22.27 6.30
C SER A 336 -32.30 -22.22 7.81
N GLY A 337 -32.45 -21.04 8.40
CA GLY A 337 -32.48 -20.92 9.84
C GLY A 337 -31.14 -20.98 10.55
N LEU A 338 -30.03 -21.14 9.81
CA LEU A 338 -28.73 -21.15 10.45
C LEU A 338 -28.37 -19.79 11.04
N GLU A 339 -28.88 -18.72 10.44
CA GLU A 339 -28.71 -17.37 10.94
C GLU A 339 -30.06 -16.69 11.05
N VAL A 340 -30.16 -15.73 11.96
CA VAL A 340 -31.34 -14.86 12.06
C VAL A 340 -31.05 -13.63 11.21
N LEU A 341 -31.63 -13.59 10.01
CA LEU A 341 -31.31 -12.59 9.01
C LEU A 341 -32.42 -11.56 8.91
N PHE A 342 -32.04 -10.30 8.78
CA PHE A 342 -32.97 -9.23 8.47
C PHE A 342 -33.38 -9.24 6.99
C1 NAG B . -29.55 -6.22 20.32
C2 NAG B . -30.35 -5.67 21.51
C3 NAG B . -30.58 -6.74 22.57
C4 NAG B . -31.15 -8.01 21.94
C5 NAG B . -30.27 -8.46 20.79
C6 NAG B . -30.79 -9.69 20.08
C7 NAG B . -30.04 -3.25 21.87
C8 NAG B . -29.22 -2.20 22.56
N2 NAG B . -29.67 -4.52 22.09
O3 NAG B . -31.48 -6.23 23.55
O4 NAG B . -31.20 -9.04 22.92
O5 NAG B . -30.20 -7.41 19.82
O6 NAG B . -32.14 -9.55 19.66
O7 NAG B . -30.99 -2.97 21.16
C1 NAG C . 11.75 -9.10 -12.49
C2 NAG C . 13.07 -9.69 -12.96
C3 NAG C . 13.03 -9.91 -14.47
C4 NAG C . 11.85 -10.79 -14.84
C5 NAG C . 10.56 -10.15 -14.33
C6 NAG C . 9.35 -11.02 -14.57
C7 NAG C . 14.95 -9.08 -11.51
C8 NAG C . 16.09 -8.12 -11.28
N2 NAG C . 14.19 -8.85 -12.59
O3 NAG C . 14.25 -10.53 -14.88
O4 NAG C . 11.79 -10.98 -16.25
O5 NAG C . 10.65 -9.92 -12.92
O6 NAG C . 9.46 -12.24 -13.87
O7 NAG C . 14.75 -10.03 -10.75
C1 NAG D . 1.81 -3.52 19.15
C2 NAG D . 0.36 -3.79 18.76
C3 NAG D . -0.50 -2.54 18.99
C4 NAG D . -0.33 -2.05 20.43
C5 NAG D . 1.15 -1.82 20.71
C6 NAG D . 1.42 -1.39 22.13
C7 NAG D . 0.13 -5.45 16.95
C8 NAG D . 0.07 -5.65 15.46
N2 NAG D . 0.28 -4.18 17.36
O3 NAG D . -1.86 -2.86 18.73
O4 NAG D . -1.04 -0.84 20.62
O5 NAG D . 1.86 -3.04 20.51
O6 NAG D . 1.16 -2.44 23.05
O7 NAG D . 0.02 -6.38 17.73
C1 NAG E . 7.69 -4.76 -22.91
C2 NAG E . 7.16 -5.14 -24.30
C3 NAG E . 6.57 -6.54 -24.27
C4 NAG E . 7.60 -7.54 -23.72
C5 NAG E . 8.07 -7.09 -22.35
C6 NAG E . 9.16 -7.97 -21.78
C7 NAG E . 6.37 -3.37 -25.80
C8 NAG E . 5.22 -2.45 -26.14
N2 NAG E . 6.17 -4.19 -24.76
O3 NAG E . 6.17 -6.92 -25.58
O4 NAG E . 7.01 -8.83 -23.62
O5 NAG E . 8.63 -5.77 -22.45
O6 NAG E . 10.24 -8.14 -22.70
O7 NAG E . 7.42 -3.36 -26.43
C1 NAG F . 0.30 10.52 -23.29
C2 NAG F . 0.42 9.48 -24.42
C3 NAG F . 0.94 10.17 -25.69
C4 NAG F . 0.11 11.39 -26.04
C5 NAG F . 0.01 12.33 -24.84
C6 NAG F . -0.90 13.51 -25.08
C7 NAG F . 1.35 7.25 -24.81
C8 NAG F . 2.29 6.20 -24.30
N2 NAG F . 1.27 8.37 -24.06
O3 NAG F . 0.94 9.26 -26.79
O4 NAG F . 0.71 12.08 -27.12
O5 NAG F . -0.53 11.61 -23.71
O6 NAG F . -2.15 13.34 -24.44
O7 NAG F . 0.70 7.11 -25.82
C1 NAG G . 7.48 19.53 -0.30
C2 NAG G . 7.83 20.42 -1.49
C3 NAG G . 6.73 21.46 -1.71
C4 NAG G . 5.38 20.79 -1.80
C5 NAG G . 5.14 19.90 -0.58
C6 NAG G . 3.83 19.16 -0.60
C7 NAG G . 10.18 20.85 -2.05
C8 NAG G . 11.43 21.61 -1.69
N2 NAG G . 9.12 21.07 -1.28
O3 NAG G . 7.01 22.18 -2.91
O4 NAG G . 4.35 21.78 -1.89
O5 NAG G . 6.19 18.93 -0.50
O6 NAG G . 3.71 18.34 -1.75
O7 NAG G . 10.15 20.08 -3.01
C1 NAG H . 1.23 20.18 -19.80
C2 NAG H . 1.78 19.47 -21.03
C3 NAG H . 2.09 20.47 -22.14
C4 NAG H . 0.86 21.32 -22.44
C5 NAG H . 0.35 21.97 -21.16
C6 NAG H . -0.95 22.71 -21.36
C7 NAG H . 3.16 17.43 -21.05
C8 NAG H . 4.46 16.81 -20.62
N2 NAG H . 2.98 18.71 -20.69
O3 NAG H . 2.51 19.78 -23.31
O4 NAG H . 1.18 22.34 -23.38
O5 NAG H . 0.09 20.96 -20.18
O6 NAG H . -2.06 21.86 -21.07
O7 NAG H . 2.32 16.81 -21.70
C1 NAG I . -0.42 17.98 9.93
C2 NAG I . -1.26 19.04 10.64
C3 NAG I . -0.61 20.42 10.48
C4 NAG I . 0.84 20.38 10.92
C5 NAG I . 1.59 19.25 10.20
C6 NAG I . 3.01 19.09 10.67
C7 NAG I . -3.67 18.55 10.78
C8 NAG I . -4.99 18.64 10.07
N2 NAG I . -2.62 19.05 10.12
O3 NAG I . -1.32 21.37 11.27
O4 NAG I . 1.47 21.62 10.62
O5 NAG I . 0.92 18.01 10.44
O6 NAG I . 3.08 18.66 12.01
O7 NAG I . -3.56 18.05 11.90
N1 FOL J . 10.21 -9.81 8.99
C2 FOL J . 9.82 -8.69 8.37
NA2 FOL J . 10.77 -7.79 8.00
N3 FOL J . 8.52 -8.42 8.09
C4 FOL J . 7.52 -9.28 8.41
O4 FOL J . 6.33 -9.01 8.15
C4A FOL J . 7.89 -10.53 9.10
N5 FOL J . 7.00 -11.46 9.49
C6 FOL J . 7.45 -12.58 10.11
C7 FOL J . 8.81 -12.77 10.37
N8 FOL J . 9.72 -11.87 10.00
C8A FOL J . 9.33 -10.75 9.38
C9 FOL J . 6.48 -13.65 10.56
N10 FOL J . 5.45 -13.83 9.55
C11 FOL J . 2.77 -16.93 10.17
C12 FOL J . 2.39 -15.84 9.39
C13 FOL J . 3.29 -14.79 9.17
C14 FOL J . 4.56 -14.84 9.74
C15 FOL J . 4.93 -15.93 10.52
C16 FOL J . 4.04 -16.97 10.74
C FOL J . 1.83 -18.07 10.42
O FOL J . 1.72 -18.48 11.57
N FOL J . 1.12 -18.62 9.43
CA FOL J . 0.40 -19.86 9.67
CB FOL J . -0.55 -20.21 8.53
CG FOL J . -1.73 -19.24 8.46
CD FOL J . -2.71 -19.74 7.41
OE1 FOL J . -3.92 -19.81 7.71
OE2 FOL J . -2.25 -20.08 6.30
CT FOL J . 1.39 -21.00 9.81
O1 FOL J . 1.07 -21.95 10.56
O2 FOL J . 2.47 -20.94 9.18
C1 MPD K . -4.37 4.96 5.28
C2 MPD K . -3.20 5.63 5.99
O2 MPD K . -3.22 5.22 7.38
CM MPD K . -1.92 5.06 5.41
C3 MPD K . -3.23 7.16 5.85
C4 MPD K . -4.28 7.94 6.66
O4 MPD K . -5.54 7.32 6.67
C5 MPD K . -3.84 8.16 8.11
N1 IMD L . -15.40 -17.04 -2.43
C2 IMD L . -16.61 -16.57 -2.80
N3 IMD L . -16.78 -16.82 -4.11
C4 IMD L . -15.68 -17.47 -4.57
C5 IMD L . -14.81 -17.61 -3.51
#